data_2E91
#
_entry.id   2E91
#
_cell.length_a   46.657
_cell.length_b   116.293
_cell.length_c   126.946
_cell.angle_alpha   90.00
_cell.angle_beta   90.00
_cell.angle_gamma   90.00
#
_symmetry.space_group_name_H-M   'P 21 21 21'
#
loop_
_entity.id
_entity.type
_entity.pdbx_description
1 polymer 'Geranylgeranyl pyrophosphate synthetase'
2 non-polymer 'MAGNESIUM ION'
3 non-polymer 'ZOLEDRONIC ACID'
4 water water
#
_entity_poly.entity_id   1
_entity_poly.type   'polypeptide(L)'
_entity_poly.pdbx_seq_one_letter_code
;MTKNKMEAKIDELINNDPVWSSQNESLISKPYNHILLKPGKNFRLNLIVQINRVMNLPKDQLAIVSQIVELLHNSSLLID
DIEDNAPLRRGQTTSHLIFGVPSTINTANYMYFRAMQLVSQLTTKEPLYHNLITIFNEELINLHRGQGLDIYWRDFLPEI
IPTQEMYLNMVMNKTGGLFRLTLRLMEALSPSSHHGHSLVPFINLLGIIYQIRDDYLNLKDFQMSSEKGFAEDITEGKLS
FPIVHALNFTKTKGQTEQHNEILRILLLRTSDKDIKLKLIQILEFDTNSLAYTKNFINQLVNMIKNDNENKYLPDLASHS
DTATNLHDELLYIIDHLSEL
;
_entity_poly.pdbx_strand_id   A,B
#
loop_
_chem_comp.id
_chem_comp.type
_chem_comp.name
_chem_comp.formula
MG non-polymer 'MAGNESIUM ION' 'Mg 2'
ZOL non-polymer 'ZOLEDRONIC ACID' 'C5 H10 N2 O7 P2'
#
# COMPACT_ATOMS: atom_id res chain seq x y z
N ASN A 4 8.84 27.93 -29.47
CA ASN A 4 10.12 27.88 -28.70
C ASN A 4 9.97 28.17 -27.20
N LYS A 5 8.98 28.98 -26.83
CA LYS A 5 8.78 29.29 -25.42
C LYS A 5 8.33 28.01 -24.70
N MET A 6 7.58 27.20 -25.42
CA MET A 6 7.10 25.96 -24.87
C MET A 6 8.28 24.99 -24.72
N GLU A 7 9.05 24.83 -25.79
CA GLU A 7 10.21 23.95 -25.75
C GLU A 7 11.21 24.36 -24.65
N ALA A 8 11.25 25.66 -24.35
CA ALA A 8 12.14 26.19 -23.32
C ALA A 8 11.63 25.75 -21.98
N LYS A 9 10.33 25.94 -21.77
CA LYS A 9 9.73 25.55 -20.51
C LYS A 9 9.88 24.05 -20.38
N ILE A 10 9.61 23.31 -21.46
CA ILE A 10 9.74 21.87 -21.40
C ILE A 10 11.18 21.48 -21.07
N ASP A 11 12.13 22.16 -21.70
CA ASP A 11 13.52 21.87 -21.43
C ASP A 11 13.85 22.09 -19.95
N GLU A 12 13.45 23.22 -19.37
CA GLU A 12 13.76 23.41 -17.96
C GLU A 12 13.12 22.31 -17.07
N LEU A 13 11.89 21.95 -17.36
CA LEU A 13 11.17 20.94 -16.57
C LEU A 13 11.94 19.61 -16.47
N ILE A 14 12.23 19.02 -17.63
CA ILE A 14 12.91 17.74 -17.72
C ILE A 14 14.38 17.75 -17.28
N ASN A 15 14.98 18.93 -17.12
CA ASN A 15 16.36 18.94 -16.67
C ASN A 15 16.47 19.29 -15.19
N ASN A 16 15.35 19.15 -14.49
CA ASN A 16 15.28 19.39 -13.05
C ASN A 16 14.55 18.29 -12.27
N ASP A 17 14.81 18.24 -10.97
CA ASP A 17 14.14 17.28 -10.09
C ASP A 17 12.65 17.63 -10.20
N PRO A 18 11.76 16.72 -9.85
CA PRO A 18 10.36 17.14 -9.98
C PRO A 18 10.01 18.18 -8.91
N VAL A 19 9.14 19.09 -9.26
CA VAL A 19 8.75 20.12 -8.29
C VAL A 19 7.74 19.60 -7.28
N TRP A 20 8.06 19.68 -6.00
CA TRP A 20 7.14 19.29 -4.94
C TRP A 20 7.09 20.42 -3.89
N SER A 21 5.91 20.89 -3.51
CA SER A 21 5.81 21.98 -2.53
C SER A 21 5.31 21.47 -1.16
N SER A 22 5.56 22.27 -0.12
CA SER A 22 5.10 21.93 1.24
C SER A 22 3.53 22.00 1.24
N GLN A 23 2.97 22.82 0.38
CA GLN A 23 1.54 22.87 0.26
C GLN A 23 1.12 21.48 -0.28
N ASN A 24 1.82 20.98 -1.30
CA ASN A 24 1.54 19.65 -1.90
C ASN A 24 1.61 18.57 -0.83
N GLU A 25 2.69 18.64 -0.04
CA GLU A 25 2.97 17.70 1.03
C GLU A 25 1.81 17.69 2.05
N SER A 26 1.37 18.87 2.46
CA SER A 26 0.26 18.93 3.40
C SER A 26 -1.00 18.34 2.81
N LEU A 27 -1.31 18.72 1.58
CA LEU A 27 -2.53 18.23 0.95
C LEU A 27 -2.61 16.70 0.90
N ILE A 28 -1.51 16.03 0.63
CA ILE A 28 -1.65 14.57 0.56
C ILE A 28 -1.38 13.81 1.85
N SER A 29 -1.07 14.52 2.93
CA SER A 29 -0.81 13.94 4.23
C SER A 29 -2.11 13.93 5.02
N LYS A 30 -3.21 14.41 4.46
CA LYS A 30 -4.46 14.45 5.23
C LYS A 30 -4.91 13.17 5.89
N PRO A 31 -4.91 12.04 5.13
CA PRO A 31 -5.36 10.80 5.77
C PRO A 31 -4.49 10.45 6.95
N TYR A 32 -3.20 10.70 6.83
CA TYR A 32 -2.28 10.31 7.88
C TYR A 32 -2.38 11.18 9.12
N ASN A 33 -2.39 12.48 8.91
CA ASN A 33 -2.55 13.42 9.99
C ASN A 33 -3.82 13.12 10.78
N HIS A 34 -4.84 12.59 10.11
CA HIS A 34 -6.09 12.29 10.80
C HIS A 34 -5.88 11.15 11.81
N ILE A 35 -5.16 10.11 11.43
CA ILE A 35 -5.00 9.02 12.36
C ILE A 35 -4.08 9.39 13.50
N LEU A 36 -3.34 10.48 13.37
CA LEU A 36 -2.44 10.89 14.46
C LEU A 36 -3.21 11.34 15.69
N LEU A 37 -4.43 11.79 15.49
CA LEU A 37 -5.27 12.24 16.59
C LEU A 37 -5.61 11.07 17.52
N LYS A 38 -5.58 9.85 16.99
CA LYS A 38 -5.89 8.69 17.82
C LYS A 38 -4.80 8.54 18.90
N PRO A 39 -5.20 8.26 20.15
CA PRO A 39 -4.11 8.12 21.13
C PRO A 39 -3.50 6.70 21.12
N GLY A 40 -2.45 6.52 21.90
CA GLY A 40 -1.77 5.23 21.99
C GLY A 40 -0.27 5.32 21.76
N LYS A 41 0.19 6.49 21.33
CA LYS A 41 1.61 6.72 21.05
C LYS A 41 2.49 6.45 22.27
N ASN A 42 2.20 7.08 23.39
CA ASN A 42 2.99 6.90 24.61
C ASN A 42 3.32 5.44 24.93
N PHE A 43 2.33 4.56 24.86
CA PHE A 43 2.60 3.18 25.16
C PHE A 43 3.60 2.56 24.17
N ARG A 44 3.42 2.79 22.88
CA ARG A 44 4.37 2.26 21.90
C ARG A 44 5.77 2.83 22.23
N LEU A 45 5.80 4.05 22.75
CA LEU A 45 7.06 4.68 23.09
C LEU A 45 7.60 4.06 24.36
N ASN A 46 6.70 3.69 25.28
CA ASN A 46 7.15 3.07 26.50
C ASN A 46 7.84 1.75 26.16
N LEU A 47 7.26 1.00 25.23
CA LEU A 47 7.85 -0.28 24.82
C LEU A 47 9.29 -0.07 24.33
N ILE A 48 9.48 0.88 23.43
CA ILE A 48 10.79 1.21 22.90
C ILE A 48 11.75 1.63 24.03
N VAL A 49 11.27 2.44 24.97
CA VAL A 49 12.08 2.89 26.10
C VAL A 49 12.49 1.71 26.99
N GLN A 50 11.50 0.92 27.42
CA GLN A 50 11.81 -0.24 28.25
C GLN A 50 12.81 -1.09 27.49
N ILE A 51 12.54 -1.37 26.23
CA ILE A 51 13.50 -2.18 25.49
C ILE A 51 14.88 -1.52 25.49
N ASN A 52 14.91 -0.19 25.41
CA ASN A 52 16.19 0.49 25.37
C ASN A 52 17.06 0.27 26.60
N ARG A 53 16.42 0.01 27.73
CA ARG A 53 17.20 -0.24 28.93
C ARG A 53 18.14 -1.42 28.70
N VAL A 54 17.79 -2.34 27.79
CA VAL A 54 18.68 -3.46 27.48
C VAL A 54 19.60 -3.10 26.32
N MET A 55 19.06 -2.37 25.35
CA MET A 55 19.84 -2.04 24.16
C MET A 55 20.78 -0.84 24.26
N ASN A 56 20.46 0.10 25.14
CA ASN A 56 21.26 1.31 25.32
C ASN A 56 21.56 2.08 24.05
N LEU A 57 20.54 2.41 23.24
CA LEU A 57 20.79 3.21 22.05
C LEU A 57 20.84 4.66 22.58
N PRO A 58 21.62 5.53 21.94
CA PRO A 58 21.63 6.92 22.45
C PRO A 58 20.20 7.48 22.17
N LYS A 59 19.73 8.45 22.97
CA LYS A 59 18.39 9.03 22.81
C LYS A 59 18.08 9.54 21.42
N ASP A 60 19.13 10.06 20.79
CA ASP A 60 19.11 10.58 19.44
C ASP A 60 18.56 9.59 18.44
N GLN A 61 19.25 8.47 18.42
CA GLN A 61 18.97 7.39 17.51
C GLN A 61 17.64 6.73 17.84
N LEU A 62 17.36 6.60 19.15
CA LEU A 62 16.15 5.96 19.62
C LEU A 62 14.99 6.77 19.08
N ALA A 63 15.15 8.10 19.03
CA ALA A 63 14.09 8.98 18.52
C ALA A 63 13.74 8.69 17.06
N ILE A 64 14.77 8.41 16.24
CA ILE A 64 14.53 8.13 14.84
C ILE A 64 13.96 6.71 14.73
N VAL A 65 14.37 5.80 15.62
CA VAL A 65 13.83 4.46 15.54
C VAL A 65 12.34 4.58 15.76
N SER A 66 11.95 5.40 16.73
CA SER A 66 10.53 5.61 17.08
C SER A 66 9.71 6.27 15.96
N GLN A 67 10.30 7.24 15.26
CA GLN A 67 9.58 7.86 14.17
C GLN A 67 9.28 6.86 13.07
N ILE A 68 10.25 5.97 12.82
CA ILE A 68 10.10 4.97 11.79
C ILE A 68 9.01 4.00 12.17
N VAL A 69 9.02 3.55 13.41
CA VAL A 69 8.03 2.61 13.92
C VAL A 69 6.63 3.22 13.89
N GLU A 70 6.52 4.50 14.26
CA GLU A 70 5.22 5.17 14.24
C GLU A 70 4.66 5.30 12.83
N LEU A 71 5.50 5.68 11.87
CA LEU A 71 5.07 5.81 10.49
C LEU A 71 4.56 4.46 9.97
N LEU A 72 5.32 3.39 10.21
CA LEU A 72 4.94 2.05 9.74
C LEU A 72 3.66 1.57 10.44
N HIS A 73 3.55 1.83 11.73
CA HIS A 73 2.37 1.40 12.47
C HIS A 73 1.11 2.14 11.97
N ASN A 74 1.19 3.47 11.89
CA ASN A 74 -0.01 4.20 11.49
C ASN A 74 -0.43 3.91 10.05
N SER A 75 0.58 3.75 9.20
CA SER A 75 0.36 3.48 7.77
C SER A 75 -0.30 2.12 7.64
N SER A 76 0.20 1.11 8.37
CA SER A 76 -0.38 -0.22 8.31
C SER A 76 -1.83 -0.23 8.87
N LEU A 77 -2.13 0.63 9.84
CA LEU A 77 -3.52 0.71 10.38
C LEU A 77 -4.45 1.43 9.37
N LEU A 78 -3.94 2.46 8.66
CA LEU A 78 -4.76 3.12 7.66
C LEU A 78 -5.22 2.03 6.66
N ILE A 79 -4.28 1.23 6.18
CA ILE A 79 -4.56 0.16 5.19
C ILE A 79 -5.43 -0.93 5.79
N ASP A 80 -5.08 -1.36 6.99
CA ASP A 80 -5.84 -2.38 7.67
C ASP A 80 -7.33 -2.01 7.77
N ASP A 81 -7.63 -0.73 8.06
CA ASP A 81 -9.03 -0.32 8.16
C ASP A 81 -9.72 -0.33 6.80
N ILE A 82 -8.96 -0.15 5.74
CA ILE A 82 -9.59 -0.21 4.45
C ILE A 82 -9.87 -1.71 4.23
N GLU A 83 -8.88 -2.53 4.50
CA GLU A 83 -9.00 -3.96 4.27
C GLU A 83 -10.09 -4.64 5.09
N ASP A 84 -10.31 -4.15 6.30
CA ASP A 84 -11.27 -4.73 7.23
C ASP A 84 -12.59 -3.97 7.18
N ASN A 85 -12.70 -3.00 6.28
CA ASN A 85 -13.93 -2.23 6.15
C ASN A 85 -14.33 -1.63 7.50
N ALA A 86 -13.35 -1.12 8.24
CA ALA A 86 -13.61 -0.59 9.56
C ALA A 86 -14.19 0.85 9.58
N PRO A 87 -15.30 1.06 10.33
CA PRO A 87 -15.88 2.40 10.41
C PRO A 87 -15.20 3.30 11.44
N LEU A 88 -14.65 2.68 12.48
CA LEU A 88 -14.09 3.46 13.57
C LEU A 88 -12.71 3.02 13.97
N ARG A 89 -11.88 3.95 14.42
CA ARG A 89 -10.56 3.58 14.92
C ARG A 89 -10.28 4.54 16.08
N ARG A 90 -10.24 3.99 17.29
CA ARG A 90 -9.99 4.77 18.48
C ARG A 90 -11.13 5.79 18.58
N GLY A 91 -12.34 5.27 18.68
CA GLY A 91 -13.52 6.14 18.77
C GLY A 91 -13.63 7.26 17.74
N GLN A 92 -12.93 7.16 16.63
CA GLN A 92 -13.04 8.20 15.62
C GLN A 92 -13.34 7.60 14.23
N THR A 93 -13.99 8.38 13.36
CA THR A 93 -14.28 7.88 12.04
C THR A 93 -12.96 7.62 11.31
N THR A 94 -12.92 6.49 10.62
CA THR A 94 -11.77 6.05 9.86
C THR A 94 -11.30 6.95 8.70
N SER A 95 -10.01 7.17 8.53
CA SER A 95 -9.60 8.00 7.40
C SER A 95 -10.24 7.73 6.05
N HIS A 96 -10.36 6.44 5.66
CA HIS A 96 -10.91 6.16 4.34
C HIS A 96 -12.35 6.60 4.18
N LEU A 97 -13.14 6.64 5.25
CA LEU A 97 -14.54 7.12 5.10
C LEU A 97 -14.59 8.62 4.93
N ILE A 98 -13.53 9.28 5.31
CA ILE A 98 -13.54 10.72 5.23
C ILE A 98 -12.91 11.18 3.92
N PHE A 99 -11.68 10.75 3.66
CA PHE A 99 -10.92 11.17 2.47
C PHE A 99 -11.04 10.26 1.30
N GLY A 100 -11.67 9.10 1.50
CA GLY A 100 -11.82 8.14 0.42
C GLY A 100 -10.69 7.11 0.42
N VAL A 101 -10.99 5.91 -0.09
CA VAL A 101 -10.02 4.86 -0.19
C VAL A 101 -8.79 5.20 -1.05
N PRO A 102 -8.99 5.84 -2.20
CA PRO A 102 -7.82 6.14 -3.03
C PRO A 102 -6.76 6.99 -2.33
N SER A 103 -7.17 8.08 -1.69
CA SER A 103 -6.16 8.92 -1.03
C SER A 103 -5.58 8.24 0.16
N THR A 104 -6.40 7.44 0.86
CA THR A 104 -5.88 6.79 2.06
C THR A 104 -4.83 5.72 1.67
N ILE A 105 -5.16 4.89 0.67
CA ILE A 105 -4.17 3.89 0.23
C ILE A 105 -2.89 4.64 -0.24
N ASN A 106 -3.02 5.57 -1.14
CA ASN A 106 -1.83 6.23 -1.61
C ASN A 106 -1.01 6.88 -0.46
N THR A 107 -1.68 7.54 0.47
CA THR A 107 -0.95 8.20 1.55
C THR A 107 -0.24 7.25 2.47
N ALA A 108 -0.94 6.20 2.86
CA ALA A 108 -0.34 5.19 3.71
C ALA A 108 0.95 4.60 3.03
N ASN A 109 0.82 4.22 1.77
CA ASN A 109 1.95 3.62 1.04
C ASN A 109 3.11 4.66 0.94
N TYR A 110 2.72 5.92 0.69
CA TYR A 110 3.74 7.00 0.64
C TYR A 110 4.48 7.00 2.00
N MET A 111 3.75 6.83 3.11
CA MET A 111 4.42 6.87 4.38
C MET A 111 5.32 5.67 4.63
N TYR A 112 5.03 4.51 4.03
CA TYR A 112 5.96 3.38 4.18
C TYR A 112 7.31 3.80 3.59
N PHE A 113 7.30 4.50 2.44
CA PHE A 113 8.55 4.92 1.79
C PHE A 113 9.26 6.07 2.53
N ARG A 114 8.49 6.85 3.30
CA ARG A 114 9.09 7.93 4.07
C ARG A 114 9.75 7.26 5.24
N ALA A 115 9.12 6.22 5.80
CA ALA A 115 9.75 5.53 6.92
C ALA A 115 11.09 4.92 6.43
N MET A 116 11.03 4.26 5.28
CA MET A 116 12.22 3.63 4.71
C MET A 116 13.36 4.66 4.60
N GLN A 117 13.00 5.88 4.21
CA GLN A 117 13.95 6.96 4.01
C GLN A 117 14.62 7.34 5.33
N LEU A 118 13.89 7.32 6.44
CA LEU A 118 14.46 7.64 7.74
C LEU A 118 15.55 6.65 8.20
N VAL A 119 15.48 5.41 7.72
CA VAL A 119 16.45 4.44 8.14
C VAL A 119 17.86 4.99 7.94
N SER A 120 18.09 5.66 6.82
CA SER A 120 19.43 6.16 6.56
C SER A 120 19.88 7.30 7.51
N GLN A 121 19.05 7.66 8.49
CA GLN A 121 19.45 8.70 9.44
C GLN A 121 19.89 8.03 10.72
N LEU A 122 19.93 6.71 10.70
CA LEU A 122 20.30 5.97 11.90
C LEU A 122 21.81 5.76 12.03
N THR A 123 22.53 5.79 10.89
CA THR A 123 23.98 5.63 10.81
C THR A 123 24.50 6.08 9.47
N THR A 124 25.82 6.32 9.39
CA THR A 124 26.48 6.73 8.16
C THR A 124 27.44 5.59 7.71
N LYS A 125 27.50 4.52 8.51
CA LYS A 125 28.34 3.32 8.27
C LYS A 125 27.67 2.32 7.33
N GLU A 126 28.23 2.13 6.13
CA GLU A 126 27.63 1.27 5.11
C GLU A 126 27.20 -0.16 5.46
N PRO A 127 28.01 -0.88 6.27
CA PRO A 127 27.70 -2.27 6.68
C PRO A 127 26.40 -2.35 7.49
N LEU A 128 26.35 -1.53 8.53
CA LEU A 128 25.21 -1.42 9.43
C LEU A 128 23.95 -1.02 8.65
N TYR A 129 24.07 0.05 7.86
CA TYR A 129 22.96 0.52 7.05
C TYR A 129 22.35 -0.66 6.27
N HIS A 130 23.21 -1.44 5.63
CA HIS A 130 22.74 -2.59 4.88
C HIS A 130 21.94 -3.58 5.74
N ASN A 131 22.35 -3.81 7.00
CA ASN A 131 21.59 -4.73 7.85
C ASN A 131 20.25 -4.11 8.29
N LEU A 132 20.25 -2.80 8.59
CA LEU A 132 19.04 -2.12 9.00
C LEU A 132 18.01 -2.18 7.87
N ILE A 133 18.43 -1.92 6.63
CA ILE A 133 17.50 -1.93 5.49
C ILE A 133 16.96 -3.35 5.23
N THR A 134 17.78 -4.35 5.47
CA THR A 134 17.36 -5.74 5.28
C THR A 134 16.31 -6.14 6.32
N ILE A 135 16.49 -5.70 7.56
CA ILE A 135 15.56 -6.01 8.62
C ILE A 135 14.20 -5.42 8.27
N PHE A 136 14.25 -4.15 7.87
CA PHE A 136 13.10 -3.32 7.48
C PHE A 136 12.37 -4.07 6.36
N ASN A 137 13.12 -4.49 5.34
CA ASN A 137 12.56 -5.18 4.19
C ASN A 137 11.94 -6.55 4.56
N GLU A 138 12.69 -7.35 5.32
CA GLU A 138 12.20 -8.66 5.74
C GLU A 138 10.89 -8.58 6.58
N GLU A 139 10.89 -7.71 7.59
CA GLU A 139 9.73 -7.64 8.43
C GLU A 139 8.48 -7.03 7.74
N LEU A 140 8.66 -6.10 6.79
CA LEU A 140 7.50 -5.58 6.06
C LEU A 140 7.03 -6.71 5.11
N ILE A 141 7.94 -7.54 4.62
CA ILE A 141 7.51 -8.67 3.79
C ILE A 141 6.68 -9.59 4.73
N ASN A 142 7.13 -9.80 5.96
CA ASN A 142 6.38 -10.63 6.92
C ASN A 142 4.99 -10.05 7.28
N LEU A 143 4.93 -8.76 7.46
CA LEU A 143 3.65 -8.14 7.75
C LEU A 143 2.67 -8.49 6.62
N HIS A 144 3.07 -8.25 5.38
CA HIS A 144 2.19 -8.52 4.28
C HIS A 144 1.85 -9.99 4.10
N ARG A 145 2.74 -10.92 4.49
CA ARG A 145 2.39 -12.36 4.34
C ARG A 145 1.25 -12.70 5.33
N GLY A 146 1.40 -12.24 6.56
CA GLY A 146 0.41 -12.49 7.58
C GLY A 146 -0.93 -11.88 7.20
N GLN A 147 -0.95 -10.56 6.88
CA GLN A 147 -2.18 -9.87 6.47
C GLN A 147 -2.78 -10.64 5.27
N GLY A 148 -1.94 -11.02 4.32
CA GLY A 148 -2.45 -11.73 3.16
C GLY A 148 -3.28 -12.98 3.51
N LEU A 149 -2.85 -13.78 4.46
CA LEU A 149 -3.59 -14.97 4.86
C LEU A 149 -4.81 -14.60 5.66
N ASP A 150 -4.68 -13.67 6.61
CA ASP A 150 -5.85 -13.28 7.41
C ASP A 150 -6.92 -12.82 6.46
N ILE A 151 -6.53 -12.01 5.49
CA ILE A 151 -7.49 -11.47 4.55
C ILE A 151 -8.04 -12.58 3.62
N TYR A 152 -7.17 -13.44 3.09
CA TYR A 152 -7.71 -14.48 2.19
C TYR A 152 -8.68 -15.46 2.95
N TRP A 153 -8.26 -15.97 4.10
CA TRP A 153 -9.13 -16.88 4.84
C TRP A 153 -10.49 -16.28 5.03
N ARG A 154 -10.50 -15.01 5.48
CA ARG A 154 -11.74 -14.28 5.72
C ARG A 154 -12.59 -14.03 4.48
N ASP A 155 -12.03 -13.48 3.41
CA ASP A 155 -12.82 -13.20 2.24
C ASP A 155 -13.20 -14.40 1.34
N PHE A 156 -12.53 -15.55 1.50
CA PHE A 156 -12.88 -16.72 0.67
C PHE A 156 -13.44 -17.82 1.52
N LEU A 157 -13.81 -17.46 2.75
CA LEU A 157 -14.40 -18.44 3.67
C LEU A 157 -15.66 -19.01 2.94
N PRO A 158 -15.93 -20.31 3.03
CA PRO A 158 -15.25 -21.38 3.73
C PRO A 158 -14.18 -22.16 2.95
N GLU A 159 -13.54 -21.52 1.97
CA GLU A 159 -12.51 -22.23 1.22
C GLU A 159 -11.45 -22.79 2.20
N ILE A 160 -10.97 -22.00 3.14
CA ILE A 160 -10.01 -22.59 4.07
C ILE A 160 -10.42 -22.34 5.55
N ILE A 161 -10.47 -23.39 6.36
CA ILE A 161 -10.80 -23.28 7.79
C ILE A 161 -9.42 -23.46 8.42
N PRO A 162 -8.85 -22.37 8.96
CA PRO A 162 -7.52 -22.50 9.57
C PRO A 162 -7.54 -23.29 10.86
N THR A 163 -6.43 -23.96 11.15
CA THR A 163 -6.30 -24.68 12.42
C THR A 163 -5.63 -23.64 13.35
N GLN A 164 -5.48 -23.99 14.59
CA GLN A 164 -4.84 -23.13 15.58
C GLN A 164 -3.38 -22.89 15.17
N GLU A 165 -2.73 -23.95 14.69
CA GLU A 165 -1.36 -23.84 14.24
C GLU A 165 -1.25 -22.85 13.08
N MET A 166 -2.14 -22.97 12.09
CA MET A 166 -2.07 -22.05 10.97
C MET A 166 -2.34 -20.61 11.46
N TYR A 167 -3.27 -20.46 12.39
CA TYR A 167 -3.61 -19.14 12.90
C TYR A 167 -2.37 -18.53 13.53
N LEU A 168 -1.67 -19.34 14.31
CA LEU A 168 -0.49 -18.90 15.02
C LEU A 168 0.65 -18.52 14.05
N ASN A 169 0.77 -19.24 12.95
CA ASN A 169 1.83 -18.89 12.01
C ASN A 169 1.47 -17.59 11.31
N MET A 170 0.18 -17.37 11.05
CA MET A 170 -0.23 -16.13 10.42
C MET A 170 0.00 -14.96 11.37
N VAL A 171 -0.25 -15.16 12.66
CA VAL A 171 -0.04 -14.08 13.64
C VAL A 171 1.46 -13.75 13.81
N MET A 172 2.31 -14.80 13.72
CA MET A 172 3.76 -14.63 13.81
C MET A 172 4.24 -13.63 12.74
N ASN A 173 3.50 -13.55 11.62
CA ASN A 173 3.84 -12.66 10.56
C ASN A 173 3.07 -11.34 10.63
N LYS A 174 1.75 -11.45 10.79
CA LYS A 174 0.84 -10.30 10.80
C LYS A 174 1.07 -9.26 11.90
N THR A 175 1.48 -9.75 13.06
CA THR A 175 1.68 -8.90 14.21
C THR A 175 3.12 -8.97 14.67
N GLY A 176 3.68 -10.19 14.65
CA GLY A 176 5.06 -10.40 15.04
C GLY A 176 5.99 -9.58 14.18
N GLY A 177 5.60 -9.36 12.94
CA GLY A 177 6.44 -8.62 12.02
C GLY A 177 6.86 -7.25 12.53
N LEU A 178 5.94 -6.43 12.97
CA LEU A 178 6.31 -5.08 13.44
C LEU A 178 6.96 -5.10 14.84
N PHE A 179 6.58 -6.09 15.67
CA PHE A 179 7.21 -6.25 16.97
C PHE A 179 8.72 -6.59 16.72
N ARG A 180 8.98 -7.57 15.84
CA ARG A 180 10.35 -7.96 15.51
C ARG A 180 11.10 -6.83 14.80
N LEU A 181 10.43 -6.09 13.90
CA LEU A 181 11.08 -5.01 13.19
C LEU A 181 11.69 -4.03 14.24
N THR A 182 10.87 -3.60 15.20
CA THR A 182 11.32 -2.66 16.23
C THR A 182 12.53 -3.18 17.03
N LEU A 183 12.41 -4.42 17.49
CA LEU A 183 13.45 -5.04 18.30
C LEU A 183 14.73 -5.32 17.51
N ARG A 184 14.60 -5.86 16.31
CA ARG A 184 15.77 -6.15 15.51
C ARG A 184 16.56 -4.91 15.07
N LEU A 185 15.87 -3.78 14.82
CA LEU A 185 16.58 -2.55 14.46
C LEU A 185 17.39 -2.16 15.67
N MET A 186 16.78 -2.23 16.85
CA MET A 186 17.42 -1.89 18.12
C MET A 186 18.61 -2.81 18.48
N GLU A 187 18.41 -4.12 18.40
CA GLU A 187 19.48 -5.07 18.63
C GLU A 187 20.61 -4.78 17.63
N ALA A 188 20.29 -4.44 16.40
CA ALA A 188 21.29 -4.15 15.38
C ALA A 188 22.03 -2.83 15.69
N LEU A 189 21.35 -1.89 16.34
CA LEU A 189 21.95 -0.61 16.65
C LEU A 189 22.71 -0.58 17.98
N SER A 190 22.39 -1.51 18.86
CA SER A 190 22.96 -1.52 20.19
C SER A 190 24.47 -1.51 20.33
N PRO A 191 25.02 -0.47 21.00
CA PRO A 191 26.47 -0.41 21.19
C PRO A 191 26.74 -1.42 22.32
N SER A 192 25.82 -1.47 23.27
CA SER A 192 25.90 -2.39 24.40
C SER A 192 26.16 -3.85 23.96
N HIS A 197 21.15 -13.08 25.43
CA HIS A 197 20.37 -13.70 24.31
C HIS A 197 19.48 -12.67 23.59
N SER A 198 19.13 -12.96 22.33
CA SER A 198 18.27 -12.08 21.52
C SER A 198 16.91 -12.01 22.20
N LEU A 199 16.20 -10.89 22.06
CA LEU A 199 14.88 -10.78 22.65
C LEU A 199 13.77 -11.14 21.64
N VAL A 200 14.17 -11.56 20.44
CA VAL A 200 13.22 -11.91 19.38
C VAL A 200 12.15 -12.89 19.89
N PRO A 201 12.57 -14.02 20.49
CA PRO A 201 11.58 -14.99 21.01
C PRO A 201 10.61 -14.30 21.95
N PHE A 202 11.11 -13.46 22.83
CA PHE A 202 10.23 -12.76 23.76
C PHE A 202 9.21 -11.83 23.06
N ILE A 203 9.72 -11.02 22.12
CA ILE A 203 8.87 -10.09 21.41
C ILE A 203 7.86 -10.86 20.50
N ASN A 204 8.21 -12.08 20.05
CA ASN A 204 7.30 -12.89 19.24
C ASN A 204 6.14 -13.32 20.16
N LEU A 205 6.48 -13.68 21.41
CA LEU A 205 5.47 -14.15 22.35
C LEU A 205 4.57 -12.98 22.69
N LEU A 206 5.19 -11.82 22.87
CA LEU A 206 4.46 -10.59 23.16
C LEU A 206 3.44 -10.32 22.06
N GLY A 207 3.85 -10.47 20.80
CA GLY A 207 2.94 -10.24 19.68
C GLY A 207 1.77 -11.25 19.61
N ILE A 208 2.05 -12.49 19.96
CA ILE A 208 1.03 -13.51 19.93
C ILE A 208 0.03 -13.21 21.05
N ILE A 209 0.53 -12.88 22.24
CA ILE A 209 -0.35 -12.53 23.36
C ILE A 209 -1.10 -11.30 22.93
N TYR A 210 -0.41 -10.34 22.32
CA TYR A 210 -1.12 -9.14 21.91
C TYR A 210 -2.31 -9.43 20.97
N GLN A 211 -2.07 -10.24 19.93
CA GLN A 211 -3.11 -10.54 18.96
C GLN A 211 -4.27 -11.37 19.51
N ILE A 212 -3.95 -12.43 20.24
CA ILE A 212 -5.04 -13.28 20.77
C ILE A 212 -5.87 -12.44 21.76
N ARG A 213 -5.21 -11.56 22.52
CA ARG A 213 -5.97 -10.70 23.46
C ARG A 213 -6.87 -9.70 22.72
N ASP A 214 -6.36 -9.09 21.65
CA ASP A 214 -7.12 -8.16 20.81
C ASP A 214 -8.37 -8.95 20.26
N ASP A 215 -8.15 -10.18 19.78
CA ASP A 215 -9.25 -10.99 19.28
C ASP A 215 -10.28 -11.26 20.39
N TYR A 216 -9.78 -11.69 21.52
CA TYR A 216 -10.58 -12.02 22.68
C TYR A 216 -11.41 -10.86 23.25
N LEU A 217 -10.74 -9.72 23.52
CA LEU A 217 -11.43 -8.56 24.09
C LEU A 217 -12.51 -8.03 23.19
N ASN A 218 -12.29 -8.21 21.90
CA ASN A 218 -13.23 -7.75 20.91
C ASN A 218 -14.59 -8.40 21.16
N LEU A 219 -14.62 -9.66 21.55
CA LEU A 219 -15.90 -10.34 21.82
C LEU A 219 -16.38 -10.17 23.27
N LYS A 220 -15.43 -10.27 24.19
CA LYS A 220 -15.66 -10.21 25.64
C LYS A 220 -16.19 -8.87 26.11
N ASP A 221 -15.73 -7.78 25.48
CA ASP A 221 -16.21 -6.46 25.85
C ASP A 221 -17.63 -6.22 25.35
N PHE A 222 -17.95 -6.81 24.21
CA PHE A 222 -19.29 -6.68 23.67
C PHE A 222 -20.24 -7.55 24.49
N GLN A 223 -19.79 -8.74 24.85
CA GLN A 223 -20.61 -9.67 25.62
C GLN A 223 -20.91 -9.11 27.01
N MET A 224 -20.02 -8.26 27.50
CA MET A 224 -20.18 -7.65 28.82
C MET A 224 -20.90 -6.28 28.71
N SER A 225 -20.53 -5.49 27.70
CA SER A 225 -21.13 -4.18 27.48
C SER A 225 -21.25 -3.87 25.98
N GLY A 229 -17.80 -2.27 23.81
CA GLY A 229 -17.30 -2.76 22.46
C GLY A 229 -18.40 -2.93 21.42
N PHE A 230 -18.02 -3.30 20.20
CA PHE A 230 -18.98 -3.50 19.13
C PHE A 230 -18.90 -4.93 18.56
N ALA A 231 -17.89 -5.67 18.95
CA ALA A 231 -17.68 -7.02 18.42
C ALA A 231 -17.63 -6.86 16.91
N GLU A 232 -16.86 -5.88 16.45
CA GLU A 232 -16.72 -5.59 15.03
C GLU A 232 -15.96 -6.71 14.29
N ASP A 233 -15.23 -7.57 14.99
CA ASP A 233 -14.54 -8.67 14.32
C ASP A 233 -15.61 -9.60 13.73
N ILE A 234 -16.80 -9.71 14.35
CA ILE A 234 -17.87 -10.59 13.79
C ILE A 234 -18.35 -9.95 12.47
N THR A 235 -18.55 -8.64 12.49
CA THR A 235 -18.97 -7.87 11.31
C THR A 235 -17.93 -8.00 10.21
N GLU A 236 -16.65 -7.96 10.58
CA GLU A 236 -15.58 -8.08 9.60
C GLU A 236 -15.51 -9.52 9.05
N GLY A 237 -15.80 -10.53 9.87
CA GLY A 237 -15.76 -11.95 9.40
C GLY A 237 -14.43 -12.68 9.67
N LYS A 238 -13.57 -11.96 10.41
CA LYS A 238 -12.21 -12.37 10.81
C LYS A 238 -12.15 -13.78 11.42
N LEU A 239 -11.18 -14.60 10.99
CA LEU A 239 -10.97 -15.91 11.59
C LEU A 239 -10.13 -15.63 12.86
N SER A 240 -10.79 -15.06 13.87
CA SER A 240 -10.14 -14.73 15.13
C SER A 240 -9.71 -15.99 15.88
N PHE A 241 -8.89 -15.85 16.92
CA PHE A 241 -8.49 -17.01 17.72
C PHE A 241 -9.73 -17.77 18.27
N PRO A 242 -10.71 -17.04 18.86
CA PRO A 242 -11.90 -17.77 19.38
C PRO A 242 -12.66 -18.51 18.26
N ILE A 243 -12.80 -17.84 17.13
CA ILE A 243 -13.52 -18.42 15.99
C ILE A 243 -12.85 -19.68 15.43
N VAL A 244 -11.53 -19.64 15.27
CA VAL A 244 -10.73 -20.75 14.78
C VAL A 244 -10.93 -21.93 15.74
N HIS A 245 -10.87 -21.68 17.05
CA HIS A 245 -11.12 -22.75 17.98
C HIS A 245 -12.56 -23.34 17.83
N ALA A 246 -13.58 -22.46 17.79
CA ALA A 246 -14.99 -22.92 17.63
C ALA A 246 -15.21 -23.77 16.34
N LEU A 247 -14.63 -23.30 15.22
CA LEU A 247 -14.80 -23.99 13.97
C LEU A 247 -14.15 -25.36 13.99
N ASN A 248 -12.97 -25.47 14.61
CA ASN A 248 -12.29 -26.75 14.71
C ASN A 248 -12.96 -27.66 15.79
N PHE A 249 -13.37 -27.08 16.92
CA PHE A 249 -14.08 -27.81 17.97
C PHE A 249 -15.39 -28.44 17.39
N THR A 250 -16.22 -27.63 16.73
CA THR A 250 -17.50 -28.09 16.14
C THR A 250 -17.32 -29.22 15.11
N LYS A 251 -16.35 -29.04 14.21
CA LYS A 251 -16.07 -30.04 13.21
C LYS A 251 -15.65 -31.37 13.88
N THR A 252 -14.78 -31.27 14.88
CA THR A 252 -14.26 -32.43 15.61
C THR A 252 -15.34 -33.13 16.42
N LYS A 253 -16.18 -32.35 17.06
CA LYS A 253 -17.21 -32.91 17.90
C LYS A 253 -18.45 -33.33 17.15
N GLY A 254 -18.43 -33.17 15.81
CA GLY A 254 -19.59 -33.50 15.00
C GLY A 254 -20.76 -32.50 15.10
N GLN A 255 -20.52 -31.25 15.51
CA GLN A 255 -21.62 -30.29 15.62
C GLN A 255 -21.79 -29.59 14.31
N THR A 256 -22.30 -30.34 13.33
CA THR A 256 -22.47 -29.82 11.99
C THR A 256 -23.30 -28.54 11.86
N GLU A 257 -24.45 -28.52 12.51
CA GLU A 257 -25.30 -27.35 12.46
C GLU A 257 -24.57 -26.09 13.04
N GLN A 258 -23.95 -26.25 14.19
CA GLN A 258 -23.27 -25.13 14.84
C GLN A 258 -22.12 -24.64 13.95
N HIS A 259 -21.37 -25.58 13.39
CA HIS A 259 -20.23 -25.29 12.52
C HIS A 259 -20.75 -24.42 11.37
N ASN A 260 -21.82 -24.88 10.75
CA ASN A 260 -22.38 -24.15 9.64
C ASN A 260 -22.99 -22.79 10.02
N GLU A 261 -23.60 -22.70 11.20
CA GLU A 261 -24.20 -21.44 11.63
C GLU A 261 -23.06 -20.44 11.92
N ILE A 262 -21.95 -20.93 12.41
CA ILE A 262 -20.84 -20.01 12.70
C ILE A 262 -20.39 -19.43 11.37
N LEU A 263 -20.20 -20.29 10.38
CA LEU A 263 -19.78 -19.79 9.06
C LEU A 263 -20.82 -18.82 8.47
N ARG A 264 -22.11 -19.17 8.57
CA ARG A 264 -23.16 -18.31 8.04
C ARG A 264 -23.15 -16.91 8.73
N ILE A 265 -23.01 -16.85 10.06
CA ILE A 265 -23.03 -15.53 10.66
C ILE A 265 -21.80 -14.68 10.21
N LEU A 266 -20.62 -15.27 10.11
CA LEU A 266 -19.43 -14.55 9.66
C LEU A 266 -19.66 -14.00 8.26
N LEU A 267 -20.24 -14.81 7.37
CA LEU A 267 -20.44 -14.36 5.99
C LEU A 267 -21.56 -13.32 5.81
N LEU A 268 -22.39 -13.08 6.81
CA LEU A 268 -23.40 -12.03 6.70
C LEU A 268 -22.75 -10.64 6.79
N ARG A 269 -21.56 -10.54 7.35
CA ARG A 269 -20.95 -9.22 7.56
C ARG A 269 -22.02 -8.37 8.27
N THR A 270 -22.61 -8.92 9.34
CA THR A 270 -23.67 -8.20 10.03
C THR A 270 -23.30 -7.23 11.15
N SER A 271 -24.10 -6.18 11.31
CA SER A 271 -23.94 -5.21 12.39
C SER A 271 -25.09 -5.40 13.35
N ASP A 272 -25.94 -6.41 13.13
CA ASP A 272 -27.07 -6.59 14.09
C ASP A 272 -26.54 -7.10 15.44
N LYS A 273 -26.81 -6.39 16.52
CA LYS A 273 -26.27 -6.75 17.83
C LYS A 273 -26.72 -8.07 18.35
N ASP A 274 -27.96 -8.46 18.08
CA ASP A 274 -28.44 -9.74 18.59
C ASP A 274 -27.82 -10.92 17.90
N ILE A 275 -27.57 -10.77 16.61
CA ILE A 275 -26.92 -11.84 15.84
C ILE A 275 -25.48 -11.97 16.35
N LYS A 276 -24.80 -10.83 16.54
CA LYS A 276 -23.43 -10.89 17.07
C LYS A 276 -23.48 -11.52 18.45
N LEU A 277 -24.47 -11.15 19.27
CA LEU A 277 -24.48 -11.74 20.60
C LEU A 277 -24.85 -13.26 20.51
N LYS A 278 -25.69 -13.66 19.56
CA LYS A 278 -26.01 -15.10 19.47
C LYS A 278 -24.68 -15.84 19.21
N LEU A 279 -23.86 -15.33 18.26
CA LEU A 279 -22.57 -15.99 17.93
C LEU A 279 -21.63 -16.04 19.14
N ILE A 280 -21.56 -14.94 19.88
CA ILE A 280 -20.69 -14.93 21.09
C ILE A 280 -21.18 -15.95 22.14
N GLN A 281 -22.50 -16.05 22.35
CA GLN A 281 -23.01 -17.03 23.34
C GLN A 281 -22.79 -18.45 22.81
N ILE A 282 -22.63 -18.62 21.50
CA ILE A 282 -22.30 -19.98 20.98
C ILE A 282 -20.87 -20.26 21.45
N LEU A 283 -19.97 -19.31 21.26
CA LEU A 283 -18.59 -19.53 21.72
C LEU A 283 -18.56 -19.66 23.26
N GLU A 284 -19.48 -19.05 23.98
CA GLU A 284 -19.48 -19.14 25.43
C GLU A 284 -19.89 -20.50 25.99
N PHE A 285 -21.11 -20.91 25.62
CA PHE A 285 -21.73 -22.11 26.11
C PHE A 285 -21.63 -23.40 25.26
N ASP A 286 -21.57 -23.29 23.93
CA ASP A 286 -21.57 -24.47 23.05
C ASP A 286 -20.19 -25.02 22.69
N THR A 287 -19.25 -24.13 22.35
CA THR A 287 -17.91 -24.58 22.01
C THR A 287 -16.94 -24.21 23.13
N ASN A 288 -17.39 -23.38 24.07
CA ASN A 288 -16.53 -22.93 25.17
C ASN A 288 -15.20 -22.37 24.64
N SER A 289 -15.28 -21.65 23.52
CA SER A 289 -14.12 -21.04 22.91
C SER A 289 -13.63 -19.83 23.72
N LEU A 290 -14.53 -19.14 24.44
CA LEU A 290 -14.08 -17.99 25.23
C LEU A 290 -13.20 -18.42 26.41
N ALA A 291 -13.64 -19.39 27.20
CA ALA A 291 -12.85 -19.86 28.31
C ALA A 291 -11.54 -20.44 27.76
N TYR A 292 -11.63 -21.20 26.67
CA TYR A 292 -10.43 -21.79 26.09
C TYR A 292 -9.40 -20.71 25.77
N THR A 293 -9.86 -19.60 25.25
CA THR A 293 -8.99 -18.51 24.87
C THR A 293 -8.42 -17.78 26.08
N LYS A 294 -9.28 -17.46 27.06
CA LYS A 294 -8.87 -16.80 28.29
C LYS A 294 -7.75 -17.62 28.89
N ASN A 295 -7.97 -18.92 28.91
CA ASN A 295 -7.01 -19.88 29.45
C ASN A 295 -5.75 -19.94 28.62
N PHE A 296 -5.89 -19.92 27.29
CA PHE A 296 -4.70 -19.99 26.43
C PHE A 296 -3.86 -18.74 26.67
N ILE A 297 -4.51 -17.60 26.84
CA ILE A 297 -3.83 -16.34 27.06
C ILE A 297 -3.04 -16.37 28.38
N ASN A 298 -3.72 -16.80 29.45
CA ASN A 298 -3.13 -16.88 30.77
C ASN A 298 -1.90 -17.77 30.77
N GLN A 299 -1.98 -18.87 30.05
CA GLN A 299 -0.87 -19.78 29.93
C GLN A 299 0.32 -19.07 29.23
N LEU A 300 0.09 -18.34 28.14
CA LEU A 300 1.19 -17.63 27.47
C LEU A 300 1.80 -16.57 28.39
N VAL A 301 0.96 -15.86 29.14
CA VAL A 301 1.41 -14.83 30.09
C VAL A 301 2.25 -15.50 31.20
N ASN A 302 1.92 -16.72 31.61
CA ASN A 302 2.73 -17.39 32.64
C ASN A 302 4.10 -17.80 32.08
N MET A 303 4.16 -18.12 30.79
CA MET A 303 5.44 -18.48 30.19
C MET A 303 6.44 -17.35 30.38
N ILE A 304 5.94 -16.13 30.50
CA ILE A 304 6.82 -15.01 30.74
C ILE A 304 6.98 -14.80 32.25
N LYS A 305 5.88 -14.60 32.97
CA LYS A 305 5.95 -14.40 34.42
C LYS A 305 6.71 -15.50 35.20
N ASN A 306 6.71 -16.72 34.67
CA ASN A 306 7.43 -17.83 35.31
C ASN A 306 8.77 -18.06 34.59
N LYS B 5 2.65 -29.42 27.23
CA LYS B 5 2.77 -29.65 25.76
C LYS B 5 2.46 -28.41 24.92
N MET B 6 1.55 -27.59 25.42
CA MET B 6 1.15 -26.35 24.77
C MET B 6 2.41 -25.47 24.80
N GLU B 7 3.01 -25.33 25.98
CA GLU B 7 4.25 -24.55 26.15
C GLU B 7 5.33 -25.03 25.17
N ALA B 8 5.48 -26.34 25.05
CA ALA B 8 6.50 -26.89 24.15
C ALA B 8 6.32 -26.38 22.73
N LYS B 9 5.08 -26.51 22.24
CA LYS B 9 4.71 -26.08 20.90
C LYS B 9 4.88 -24.56 20.71
N ILE B 10 4.59 -23.77 21.75
CA ILE B 10 4.75 -22.32 21.69
C ILE B 10 6.22 -21.96 21.68
N ASP B 11 6.99 -22.66 22.51
CA ASP B 11 8.42 -22.41 22.58
C ASP B 11 9.12 -22.63 21.21
N GLU B 12 8.73 -23.70 20.52
CA GLU B 12 9.33 -23.99 19.24
C GLU B 12 8.95 -22.93 18.21
N LEU B 13 7.74 -22.41 18.37
CA LEU B 13 7.21 -21.42 17.48
C LEU B 13 7.95 -20.07 17.56
N ILE B 14 8.10 -19.55 18.75
CA ILE B 14 8.73 -18.26 18.94
C ILE B 14 10.25 -18.25 18.72
N ASN B 15 10.87 -19.43 18.74
CA ASN B 15 12.31 -19.52 18.53
C ASN B 15 12.67 -19.80 17.08
N ASN B 16 11.68 -19.89 16.22
CA ASN B 16 11.94 -20.09 14.80
C ASN B 16 11.50 -18.88 13.99
N ASP B 17 11.92 -18.86 12.73
CA ASP B 17 11.54 -17.82 11.80
C ASP B 17 10.06 -18.10 11.58
N PRO B 18 9.28 -17.10 11.15
CA PRO B 18 7.86 -17.35 10.93
C PRO B 18 7.69 -18.34 9.79
N VAL B 19 6.74 -19.25 9.94
CA VAL B 19 6.52 -20.28 8.93
C VAL B 19 5.79 -19.72 7.71
N TRP B 20 6.36 -19.85 6.53
CA TRP B 20 5.74 -19.40 5.31
C TRP B 20 5.97 -20.50 4.27
N SER B 21 4.91 -21.02 3.66
CA SER B 21 5.06 -22.08 2.68
C SER B 21 4.89 -21.62 1.26
N SER B 22 5.18 -22.53 0.35
CA SER B 22 5.07 -22.28 -1.07
C SER B 22 3.60 -22.08 -1.43
N GLN B 23 2.78 -22.89 -0.79
CA GLN B 23 1.36 -22.82 -1.00
C GLN B 23 0.81 -21.42 -0.47
N ASN B 24 1.30 -20.93 0.67
CA ASN B 24 0.90 -19.60 1.21
C ASN B 24 1.31 -18.54 0.15
N GLU B 25 2.53 -18.65 -0.38
CA GLU B 25 3.03 -17.75 -1.41
C GLU B 25 2.07 -17.69 -2.60
N SER B 26 1.56 -18.85 -3.04
CA SER B 26 0.61 -18.87 -4.16
C SER B 26 -0.71 -18.20 -3.83
N LEU B 27 -1.28 -18.43 -2.66
CA LEU B 27 -2.55 -17.76 -2.32
C LEU B 27 -2.43 -16.22 -2.46
N ILE B 28 -1.37 -15.71 -1.86
CA ILE B 28 -1.03 -14.31 -1.81
C ILE B 28 -0.71 -13.71 -3.18
N SER B 29 -0.25 -14.54 -4.10
CA SER B 29 0.09 -14.07 -5.43
C SER B 29 -1.03 -14.06 -6.42
N LYS B 30 -2.19 -14.62 -6.07
CA LYS B 30 -3.29 -14.64 -7.03
C LYS B 30 -3.68 -13.31 -7.69
N PRO B 31 -3.81 -12.21 -6.89
CA PRO B 31 -4.18 -10.93 -7.54
C PRO B 31 -3.08 -10.49 -8.50
N TYR B 32 -1.84 -10.80 -8.16
CA TYR B 32 -0.74 -10.38 -9.00
C TYR B 32 -0.68 -11.21 -10.29
N ASN B 33 -0.78 -12.52 -10.17
CA ASN B 33 -0.69 -13.29 -11.41
C ASN B 33 -1.81 -12.95 -12.38
N HIS B 34 -2.94 -12.52 -11.85
CA HIS B 34 -4.03 -12.22 -12.74
C HIS B 34 -3.68 -11.07 -13.68
N ILE B 35 -2.96 -10.07 -13.19
CA ILE B 35 -2.61 -8.94 -14.04
C ILE B 35 -1.53 -9.36 -15.04
N LEU B 36 -0.89 -10.52 -14.81
CA LEU B 36 0.12 -11.02 -15.75
C LEU B 36 -0.47 -11.46 -17.11
N LEU B 37 -1.75 -11.87 -17.11
CA LEU B 37 -2.46 -12.29 -18.34
C LEU B 37 -2.44 -11.17 -19.43
N LEU B 45 10.10 -3.86 -21.83
CA LEU B 45 11.28 -4.75 -21.79
C LEU B 45 12.22 -4.46 -22.95
N ASN B 46 11.64 -4.22 -24.13
CA ASN B 46 12.47 -3.86 -25.25
C ASN B 46 13.01 -2.46 -24.98
N LEU B 47 12.29 -1.66 -24.20
CA LEU B 47 12.78 -0.31 -23.88
C LEU B 47 14.07 -0.46 -23.07
N ILE B 48 14.07 -1.44 -22.17
CA ILE B 48 15.23 -1.71 -21.31
C ILE B 48 16.42 -2.25 -22.13
N VAL B 49 16.12 -3.10 -23.11
CA VAL B 49 17.16 -3.69 -23.97
C VAL B 49 17.80 -2.55 -24.72
N GLN B 50 16.97 -1.84 -25.49
CA GLN B 50 17.47 -0.72 -26.25
C GLN B 50 18.38 0.15 -25.40
N ILE B 51 17.87 0.64 -24.26
CA ILE B 51 18.68 1.47 -23.37
C ILE B 51 19.96 0.72 -22.94
N ASN B 52 19.88 -0.60 -22.79
CA ASN B 52 21.09 -1.33 -22.37
C ASN B 52 22.24 -1.27 -23.40
N ARG B 53 21.96 -0.72 -24.58
CA ARG B 53 22.98 -0.55 -25.62
C ARG B 53 23.85 0.63 -25.24
N VAL B 54 23.44 1.40 -24.26
CA VAL B 54 24.26 2.52 -23.82
C VAL B 54 24.85 2.19 -22.46
N MET B 55 24.16 1.33 -21.73
CA MET B 55 24.56 0.97 -20.38
C MET B 55 25.33 -0.34 -20.28
N ASN B 56 25.04 -1.28 -21.19
CA ASN B 56 25.72 -2.57 -21.21
C ASN B 56 25.80 -3.26 -19.86
N LEU B 57 24.66 -3.48 -19.23
CA LEU B 57 24.72 -4.19 -17.97
C LEU B 57 24.82 -5.63 -18.45
N PRO B 58 25.53 -6.49 -17.71
CA PRO B 58 25.66 -7.90 -18.09
C PRO B 58 24.25 -8.46 -18.10
N LYS B 59 24.00 -9.46 -18.92
CA LYS B 59 22.65 -9.97 -19.04
C LYS B 59 21.94 -10.40 -17.78
N ASP B 60 22.66 -10.99 -16.85
CA ASP B 60 22.00 -11.44 -15.65
C ASP B 60 21.50 -10.28 -14.84
N GLN B 61 22.37 -9.28 -14.64
CA GLN B 61 21.98 -8.11 -13.90
C GLN B 61 20.73 -7.48 -14.56
N LEU B 62 20.78 -7.31 -15.87
CA LEU B 62 19.66 -6.76 -16.60
C LEU B 62 18.35 -7.55 -16.36
N ALA B 63 18.45 -8.85 -16.05
CA ALA B 63 17.26 -9.66 -15.80
C ALA B 63 16.59 -9.25 -14.48
N ILE B 64 17.44 -9.04 -13.49
CA ILE B 64 16.97 -8.62 -12.20
C ILE B 64 16.35 -7.23 -12.31
N VAL B 65 17.08 -6.26 -12.89
CA VAL B 65 16.55 -4.89 -13.02
C VAL B 65 15.16 -5.02 -13.67
N SER B 66 15.09 -5.81 -14.72
CA SER B 66 13.84 -6.00 -15.41
C SER B 66 12.75 -6.61 -14.51
N GLN B 67 13.10 -7.58 -13.68
CA GLN B 67 12.16 -8.21 -12.79
C GLN B 67 11.65 -7.17 -11.82
N ILE B 68 12.55 -6.32 -11.34
CA ILE B 68 12.21 -5.25 -10.45
C ILE B 68 11.16 -4.33 -11.08
N VAL B 69 11.46 -3.86 -12.30
CA VAL B 69 10.59 -2.98 -13.04
C VAL B 69 9.21 -3.59 -13.25
N GLU B 70 9.14 -4.90 -13.57
CA GLU B 70 7.84 -5.53 -13.77
C GLU B 70 7.02 -5.56 -12.46
N LEU B 71 7.67 -5.88 -11.35
CA LEU B 71 6.96 -5.90 -10.07
C LEU B 71 6.37 -4.51 -9.76
N LEU B 72 7.21 -3.50 -9.73
CA LEU B 72 6.77 -2.13 -9.43
C LEU B 72 5.66 -1.71 -10.36
N HIS B 73 5.89 -1.91 -11.63
CA HIS B 73 4.92 -1.55 -12.64
C HIS B 73 3.57 -2.25 -12.47
N ASN B 74 3.58 -3.56 -12.32
CA ASN B 74 2.35 -4.29 -12.18
C ASN B 74 1.62 -3.95 -10.86
N SER B 75 2.35 -3.89 -9.75
CA SER B 75 1.74 -3.54 -8.47
C SER B 75 1.14 -2.13 -8.53
N SER B 76 1.83 -1.21 -9.21
CA SER B 76 1.35 0.15 -9.27
C SER B 76 0.05 0.19 -10.05
N LEU B 77 -0.11 -0.68 -11.07
CA LEU B 77 -1.39 -0.70 -11.78
C LEU B 77 -2.53 -1.39 -10.95
N LEU B 78 -2.19 -2.45 -10.21
CA LEU B 78 -3.19 -3.10 -9.38
C LEU B 78 -3.84 -2.05 -8.46
N ILE B 79 -3.01 -1.21 -7.82
CA ILE B 79 -3.51 -0.19 -6.88
C ILE B 79 -4.17 0.96 -7.63
N ASP B 80 -3.56 1.34 -8.75
CA ASP B 80 -4.09 2.41 -9.59
C ASP B 80 -5.52 2.07 -9.97
N ASP B 81 -5.80 0.81 -10.34
CA ASP B 81 -7.16 0.45 -10.69
C ASP B 81 -8.13 0.54 -9.50
N ILE B 82 -7.70 0.22 -8.29
CA ILE B 82 -8.59 0.39 -7.11
C ILE B 82 -8.82 1.94 -6.92
N GLU B 83 -7.75 2.72 -7.11
CA GLU B 83 -7.82 4.14 -6.92
C GLU B 83 -8.69 4.83 -7.97
N ASP B 84 -8.75 4.25 -9.15
CA ASP B 84 -9.52 4.87 -10.21
C ASP B 84 -10.81 4.09 -10.43
N ASN B 85 -11.14 3.21 -9.51
CA ASN B 85 -12.38 2.45 -9.67
C ASN B 85 -12.53 1.89 -11.09
N ALA B 86 -11.46 1.31 -11.64
CA ALA B 86 -11.43 0.76 -12.99
C ALA B 86 -11.96 -0.65 -13.08
N PRO B 87 -12.94 -0.88 -13.97
CA PRO B 87 -13.51 -2.24 -14.14
C PRO B 87 -12.66 -3.07 -15.08
N LEU B 88 -11.89 -2.41 -15.96
CA LEU B 88 -11.08 -3.17 -16.90
C LEU B 88 -9.66 -2.70 -17.04
N ARG B 89 -8.81 -3.64 -17.41
CA ARG B 89 -7.40 -3.40 -17.64
C ARG B 89 -7.06 -4.33 -18.81
N ARG B 90 -6.59 -3.74 -19.91
CA ARG B 90 -6.25 -4.50 -21.09
C ARG B 90 -7.42 -5.42 -21.48
N GLY B 91 -8.63 -4.86 -21.46
CA GLY B 91 -9.81 -5.64 -21.82
C GLY B 91 -10.30 -6.69 -20.83
N GLN B 92 -9.49 -7.07 -19.83
CA GLN B 92 -9.89 -8.08 -18.83
C GLN B 92 -10.37 -7.47 -17.50
N THR B 93 -11.18 -8.22 -16.75
CA THR B 93 -11.68 -7.74 -15.46
C THR B 93 -10.51 -7.41 -14.52
N THR B 94 -10.59 -6.28 -13.83
CA THR B 94 -9.50 -5.90 -12.91
C THR B 94 -9.44 -6.84 -11.69
N SER B 95 -8.22 -7.05 -11.17
CA SER B 95 -8.02 -7.92 -10.05
C SER B 95 -8.85 -7.63 -8.84
N HIS B 96 -9.06 -6.34 -8.48
CA HIS B 96 -9.86 -6.08 -7.29
C HIS B 96 -11.30 -6.53 -7.38
N LEU B 97 -11.85 -6.59 -8.59
CA LEU B 97 -13.23 -7.04 -8.73
C LEU B 97 -13.30 -8.54 -8.59
N ILE B 98 -12.22 -9.24 -8.92
CA ILE B 98 -12.20 -10.71 -8.78
C ILE B 98 -11.78 -11.11 -7.35
N PHE B 99 -10.65 -10.58 -6.85
CA PHE B 99 -10.16 -10.98 -5.55
C PHE B 99 -10.57 -10.05 -4.40
N GLY B 100 -11.14 -8.91 -4.72
CA GLY B 100 -11.57 -7.95 -3.71
C GLY B 100 -10.51 -6.89 -3.49
N VAL B 101 -10.92 -5.72 -3.06
CA VAL B 101 -9.97 -4.65 -2.75
C VAL B 101 -8.93 -5.04 -1.71
N PRO B 102 -9.33 -5.65 -0.55
CA PRO B 102 -8.38 -6.04 0.51
C PRO B 102 -7.16 -6.87 0.05
N SER B 103 -7.44 -8.03 -0.55
CA SER B 103 -6.37 -8.89 -1.03
C SER B 103 -5.54 -8.20 -2.09
N THR B 104 -6.18 -7.42 -2.97
CA THR B 104 -5.43 -6.75 -4.07
C THR B 104 -4.47 -5.67 -3.51
N ILE B 105 -4.90 -4.89 -2.52
CA ILE B 105 -4.01 -3.87 -1.97
C ILE B 105 -2.84 -4.55 -1.32
N ASN B 106 -3.15 -5.56 -0.51
CA ASN B 106 -2.11 -6.24 0.20
C ASN B 106 -1.10 -6.93 -0.69
N THR B 107 -1.60 -7.61 -1.72
CA THR B 107 -0.72 -8.29 -2.64
C THR B 107 0.14 -7.26 -3.42
N ALA B 108 -0.48 -6.16 -3.85
CA ALA B 108 0.27 -5.12 -4.58
C ALA B 108 1.38 -4.61 -3.70
N ASN B 109 1.06 -4.24 -2.45
CA ASN B 109 2.06 -3.73 -1.53
C ASN B 109 3.14 -4.81 -1.26
N TYR B 110 2.73 -6.06 -1.11
CA TYR B 110 3.73 -7.07 -0.87
C TYR B 110 4.77 -7.09 -1.98
N MET B 111 4.33 -6.98 -3.22
CA MET B 111 5.27 -7.02 -4.37
C MET B 111 6.17 -5.80 -4.43
N TYR B 112 5.72 -4.68 -3.83
CA TYR B 112 6.61 -3.52 -3.76
C TYR B 112 7.83 -3.95 -2.95
N PHE B 113 7.57 -4.58 -1.81
CA PHE B 113 8.66 -5.02 -0.96
C PHE B 113 9.44 -6.19 -1.52
N ARG B 114 8.79 -7.01 -2.34
CA ARG B 114 9.50 -8.11 -2.96
C ARG B 114 10.47 -7.50 -3.95
N ALA B 115 10.00 -6.47 -4.67
CA ALA B 115 10.83 -5.78 -5.63
C ALA B 115 12.02 -5.14 -4.88
N MET B 116 11.78 -4.57 -3.71
CA MET B 116 12.83 -3.98 -2.91
C MET B 116 13.98 -4.99 -2.56
N GLN B 117 13.61 -6.26 -2.28
CA GLN B 117 14.55 -7.32 -1.93
C GLN B 117 15.43 -7.67 -3.12
N LEU B 118 14.85 -7.74 -4.31
CA LEU B 118 15.61 -8.00 -5.54
C LEU B 118 16.76 -6.98 -5.74
N VAL B 119 16.63 -5.77 -5.16
CA VAL B 119 17.70 -4.79 -5.30
C VAL B 119 19.05 -5.20 -4.69
N SER B 120 19.05 -5.93 -3.56
CA SER B 120 20.30 -6.35 -2.96
C SER B 120 20.95 -7.48 -3.73
N GLN B 121 20.27 -7.99 -4.74
CA GLN B 121 20.85 -9.02 -5.53
C GLN B 121 21.45 -8.40 -6.80
N LEU B 122 21.35 -7.09 -6.93
CA LEU B 122 21.93 -6.45 -8.11
C LEU B 122 23.42 -6.25 -7.85
N THR B 123 23.76 -6.11 -6.58
CA THR B 123 25.15 -5.91 -6.19
C THR B 123 25.34 -6.07 -4.72
N THR B 124 26.57 -6.38 -4.32
CA THR B 124 26.88 -6.47 -2.90
C THR B 124 27.89 -5.39 -2.56
N LYS B 125 28.34 -4.63 -3.57
CA LYS B 125 29.30 -3.54 -3.30
C LYS B 125 28.55 -2.55 -2.42
N GLU B 126 29.03 -2.34 -1.21
CA GLU B 126 28.32 -1.50 -0.26
C GLU B 126 28.06 -0.05 -0.65
N PRO B 127 29.01 0.58 -1.36
CA PRO B 127 28.74 1.97 -1.74
C PRO B 127 27.54 1.95 -2.75
N LEU B 128 27.73 1.27 -3.88
CA LEU B 128 26.73 1.12 -4.95
C LEU B 128 25.32 0.68 -4.47
N TYR B 129 25.28 -0.23 -3.49
CA TYR B 129 24.02 -0.74 -2.97
C TYR B 129 23.24 0.37 -2.30
N HIS B 130 23.94 1.23 -1.54
CA HIS B 130 23.25 2.33 -0.89
C HIS B 130 22.59 3.23 -1.95
N ASN B 131 23.32 3.45 -3.02
CA ASN B 131 22.84 4.28 -4.10
C ASN B 131 21.65 3.67 -4.78
N LEU B 132 21.68 2.35 -4.98
CA LEU B 132 20.58 1.66 -5.64
C LEU B 132 19.29 1.77 -4.79
N ILE B 133 19.40 1.66 -3.46
CA ILE B 133 18.28 1.76 -2.56
C ILE B 133 17.74 3.21 -2.51
N THR B 134 18.66 4.17 -2.53
CA THR B 134 18.24 5.57 -2.53
C THR B 134 17.48 5.90 -3.80
N ILE B 135 17.89 5.33 -4.93
CA ILE B 135 17.18 5.57 -6.18
C ILE B 135 15.76 5.03 -6.12
N PHE B 136 15.69 3.79 -5.67
CA PHE B 136 14.43 3.06 -5.59
C PHE B 136 13.45 3.82 -4.63
N ASN B 137 13.98 4.26 -3.48
CA ASN B 137 13.20 4.95 -2.47
C ASN B 137 12.73 6.33 -2.99
N GLU B 138 13.65 7.11 -3.56
CA GLU B 138 13.34 8.42 -4.08
C GLU B 138 12.32 8.34 -5.16
N GLU B 139 12.46 7.44 -6.12
CA GLU B 139 11.44 7.40 -7.16
C GLU B 139 10.12 6.81 -6.69
N LEU B 140 10.11 5.92 -5.72
CA LEU B 140 8.79 5.43 -5.29
C LEU B 140 8.08 6.58 -4.52
N ILE B 141 8.85 7.36 -3.76
CA ILE B 141 8.31 8.51 -3.07
C ILE B 141 7.70 9.44 -4.14
N ASN B 142 8.42 9.65 -5.25
CA ASN B 142 7.89 10.51 -6.31
C ASN B 142 6.63 9.92 -6.95
N LEU B 143 6.61 8.60 -7.18
CA LEU B 143 5.39 8.02 -7.79
C LEU B 143 4.20 8.37 -6.89
N HIS B 144 4.37 8.21 -5.59
CA HIS B 144 3.27 8.45 -4.66
C HIS B 144 2.84 9.90 -4.52
N ARG B 145 3.80 10.82 -4.60
CA ARG B 145 3.49 12.27 -4.56
C ARG B 145 2.65 12.64 -5.79
N GLY B 146 3.08 12.18 -6.97
CA GLY B 146 2.35 12.45 -8.20
C GLY B 146 0.98 11.80 -8.18
N GLN B 147 0.94 10.52 -7.82
CA GLN B 147 -0.36 9.87 -7.74
C GLN B 147 -1.25 10.62 -6.70
N GLY B 148 -0.69 11.03 -5.57
CA GLY B 148 -1.50 11.72 -4.57
C GLY B 148 -2.13 13.01 -5.03
N LEU B 149 -1.42 13.76 -5.85
CA LEU B 149 -1.89 15.04 -6.35
C LEU B 149 -2.93 14.79 -7.41
N ASP B 150 -2.70 13.79 -8.27
CA ASP B 150 -3.67 13.42 -9.31
C ASP B 150 -5.00 13.02 -8.59
N ILE B 151 -4.90 12.19 -7.58
CA ILE B 151 -6.10 11.74 -6.85
C ILE B 151 -6.77 12.90 -6.11
N TYR B 152 -5.96 13.72 -5.45
CA TYR B 152 -6.53 14.85 -4.70
C TYR B 152 -7.33 15.77 -5.62
N TRP B 153 -6.73 16.20 -6.73
CA TRP B 153 -7.41 17.10 -7.63
C TRP B 153 -8.75 16.55 -8.04
N ARG B 154 -8.75 15.26 -8.39
CA ARG B 154 -9.96 14.58 -8.82
C ARG B 154 -10.99 14.49 -7.71
N ASP B 155 -10.63 13.95 -6.54
CA ASP B 155 -11.58 13.82 -5.46
C ASP B 155 -12.02 15.11 -4.73
N PHE B 156 -11.24 16.18 -4.88
CA PHE B 156 -11.63 17.43 -4.26
C PHE B 156 -12.20 18.37 -5.29
N LEU B 157 -12.29 17.94 -6.56
CA LEU B 157 -12.85 18.79 -7.63
C LEU B 157 -14.28 19.18 -7.23
N PRO B 158 -14.67 20.47 -7.44
CA PRO B 158 -13.94 21.60 -8.02
C PRO B 158 -13.15 22.52 -7.06
N GLU B 159 -12.64 21.99 -5.95
CA GLU B 159 -11.85 22.87 -5.10
C GLU B 159 -10.65 23.47 -5.83
N ILE B 160 -9.87 22.64 -6.53
CA ILE B 160 -8.68 23.11 -7.24
C ILE B 160 -8.69 22.71 -8.69
N ILE B 161 -8.51 23.67 -9.61
CA ILE B 161 -8.39 23.31 -11.02
C ILE B 161 -6.92 23.53 -11.36
N PRO B 162 -6.20 22.44 -11.63
CA PRO B 162 -4.79 22.64 -11.97
C PRO B 162 -4.57 23.43 -13.27
N THR B 163 -3.43 24.08 -13.36
CA THR B 163 -3.02 24.79 -14.54
C THR B 163 -2.19 23.74 -15.31
N GLN B 164 -1.77 24.10 -16.52
CA GLN B 164 -0.99 23.20 -17.33
C GLN B 164 0.33 22.88 -16.65
N GLU B 165 0.96 23.91 -16.09
CA GLU B 165 2.20 23.74 -15.39
C GLU B 165 2.04 22.83 -14.17
N MET B 166 0.94 22.97 -13.43
CA MET B 166 0.77 22.13 -12.26
C MET B 166 0.60 20.69 -12.78
N TYR B 167 -0.16 20.49 -13.86
CA TYR B 167 -0.34 19.15 -14.40
C TYR B 167 1.00 18.56 -14.74
N LEU B 168 1.85 19.34 -15.41
CA LEU B 168 3.17 18.84 -15.80
C LEU B 168 4.04 18.41 -14.63
N ASN B 169 4.04 19.15 -13.53
CA ASN B 169 4.84 18.73 -12.38
C ASN B 169 4.25 17.43 -11.82
N MET B 170 2.93 17.34 -11.74
CA MET B 170 2.29 16.09 -11.24
C MET B 170 2.78 14.89 -12.07
N VAL B 171 2.80 15.08 -13.39
CA VAL B 171 3.26 14.01 -14.30
C VAL B 171 4.77 13.66 -14.16
N MET B 172 5.59 14.67 -13.90
CA MET B 172 7.01 14.43 -13.72
C MET B 172 7.16 13.41 -12.57
N ASN B 173 6.23 13.46 -11.61
CA ASN B 173 6.25 12.50 -10.49
C ASN B 173 5.48 11.18 -10.71
N LYS B 174 4.21 11.29 -11.03
CA LYS B 174 3.31 10.17 -11.25
C LYS B 174 3.71 9.20 -12.36
N THR B 175 4.31 9.72 -13.44
CA THR B 175 4.70 8.84 -14.55
C THR B 175 6.23 8.82 -14.69
N GLY B 176 6.83 10.00 -14.48
CA GLY B 176 8.26 10.14 -14.55
C GLY B 176 8.99 9.32 -13.49
N GLY B 177 8.40 9.15 -12.32
CA GLY B 177 9.07 8.35 -11.30
C GLY B 177 9.56 6.94 -11.71
N LEU B 178 8.66 6.07 -12.16
CA LEU B 178 9.12 4.74 -12.55
C LEU B 178 10.01 4.70 -13.80
N PHE B 179 9.87 5.69 -14.69
CA PHE B 179 10.73 5.77 -15.86
C PHE B 179 12.15 6.10 -15.37
N ARG B 180 12.26 7.12 -14.51
CA ARG B 180 13.54 7.49 -13.94
C ARG B 180 14.10 6.36 -13.04
N LEU B 181 13.22 5.67 -12.30
CA LEU B 181 13.70 4.57 -11.45
C LEU B 181 14.46 3.54 -12.32
N THR B 182 13.86 3.12 -13.44
CA THR B 182 14.51 2.14 -14.31
C THR B 182 15.83 2.71 -14.88
N LEU B 183 15.74 3.93 -15.40
CA LEU B 183 16.93 4.54 -16.01
C LEU B 183 18.07 4.79 -14.99
N ARG B 184 17.71 5.33 -13.82
CA ARG B 184 18.75 5.61 -12.85
C ARG B 184 19.44 4.35 -12.36
N LEU B 185 18.71 3.25 -12.20
CA LEU B 185 19.32 2.01 -11.75
C LEU B 185 20.36 1.55 -12.78
N MET B 186 19.96 1.56 -14.05
CA MET B 186 20.85 1.13 -15.14
C MET B 186 22.09 2.02 -15.26
N GLU B 187 21.94 3.33 -15.09
CA GLU B 187 23.09 4.22 -15.16
C GLU B 187 24.00 4.02 -13.96
N ALA B 188 23.46 3.63 -12.82
CA ALA B 188 24.34 3.44 -11.66
C ALA B 188 25.07 2.09 -11.77
N LEU B 189 24.40 1.10 -12.36
CA LEU B 189 25.00 -0.20 -12.52
C LEU B 189 25.88 -0.27 -13.76
N SER B 190 25.80 0.72 -14.65
CA SER B 190 26.59 0.68 -15.88
C SER B 190 28.11 0.71 -15.76
N PRO B 191 28.79 -0.27 -16.39
CA PRO B 191 30.25 -0.37 -16.39
C PRO B 191 30.90 0.74 -17.23
N SER B 192 30.26 1.06 -18.35
CA SER B 192 30.74 2.11 -19.26
C SER B 192 30.99 3.41 -18.49
N HIS B 197 26.24 11.81 -21.59
CA HIS B 197 25.22 12.59 -20.85
C HIS B 197 24.14 11.67 -20.22
N SER B 198 23.54 12.12 -19.11
CA SER B 198 22.50 11.33 -18.47
C SER B 198 21.35 11.29 -19.43
N LEU B 199 20.60 10.20 -19.45
CA LEU B 199 19.45 10.13 -20.34
C LEU B 199 18.18 10.42 -19.47
N VAL B 200 18.39 10.95 -18.27
CA VAL B 200 17.27 11.25 -17.41
C VAL B 200 16.33 12.27 -18.03
N PRO B 201 16.87 13.36 -18.61
CA PRO B 201 16.04 14.39 -19.25
C PRO B 201 15.24 13.76 -20.37
N PHE B 202 15.86 12.83 -21.08
CA PHE B 202 15.17 12.16 -22.19
C PHE B 202 14.05 11.25 -21.68
N ILE B 203 14.33 10.53 -20.59
CA ILE B 203 13.34 9.60 -20.07
C ILE B 203 12.21 10.41 -19.40
N ASN B 204 12.53 11.59 -18.86
CA ASN B 204 11.50 12.45 -18.28
C ASN B 204 10.55 12.84 -19.39
N LEU B 205 11.11 13.22 -20.55
CA LEU B 205 10.32 13.67 -21.71
C LEU B 205 9.48 12.51 -22.27
N LEU B 206 10.05 11.33 -22.16
CA LEU B 206 9.37 10.15 -22.60
C LEU B 206 8.14 9.98 -21.67
N GLY B 207 8.36 10.15 -20.37
CA GLY B 207 7.28 10.01 -19.40
C GLY B 207 6.13 11.00 -19.63
N ILE B 208 6.46 12.25 -19.97
CA ILE B 208 5.43 13.24 -20.19
C ILE B 208 4.63 12.90 -21.47
N ILE B 209 5.35 12.53 -22.52
CA ILE B 209 4.67 12.16 -23.75
C ILE B 209 3.77 10.95 -23.49
N TYR B 210 4.31 9.94 -22.82
CA TYR B 210 3.49 8.72 -22.58
C TYR B 210 2.19 9.08 -21.88
N GLN B 211 2.25 9.93 -20.86
CA GLN B 211 1.04 10.27 -20.09
C GLN B 211 0.02 11.11 -20.84
N ILE B 212 0.49 12.16 -21.51
CA ILE B 212 -0.43 13.02 -22.25
C ILE B 212 -1.12 12.26 -23.38
N ARG B 213 -0.39 11.34 -23.98
CA ARG B 213 -0.92 10.50 -25.06
C ARG B 213 -1.94 9.51 -24.47
N ASP B 214 -1.71 9.06 -23.24
CA ASP B 214 -2.61 8.15 -22.54
C ASP B 214 -3.94 8.88 -22.36
N ASP B 215 -3.86 10.11 -21.82
CA ASP B 215 -5.05 10.96 -21.59
C ASP B 215 -5.79 11.25 -22.92
N TYR B 216 -5.02 11.65 -23.93
CA TYR B 216 -5.55 11.98 -25.28
C TYR B 216 -6.25 10.77 -25.87
N LEU B 217 -5.52 9.66 -25.94
CA LEU B 217 -6.07 8.47 -26.55
C LEU B 217 -7.35 7.97 -25.89
N ASN B 218 -7.41 8.05 -24.57
CA ASN B 218 -8.58 7.67 -23.79
C ASN B 218 -9.87 8.31 -24.35
N LEU B 219 -9.77 9.57 -24.78
CA LEU B 219 -10.94 10.28 -25.30
C LEU B 219 -11.10 10.04 -26.80
N LYS B 220 -9.97 10.13 -27.49
CA LYS B 220 -9.86 9.98 -28.93
C LYS B 220 -10.36 8.64 -29.43
N ASP B 221 -10.15 7.59 -28.63
CA ASP B 221 -10.58 6.26 -28.99
C ASP B 221 -12.03 6.02 -28.56
N PHE B 222 -12.59 6.89 -27.70
CA PHE B 222 -13.96 6.65 -27.22
C PHE B 222 -14.91 6.29 -28.34
N GLN B 223 -14.88 7.04 -29.43
CA GLN B 223 -15.73 6.74 -30.59
C GLN B 223 -15.96 5.21 -30.74
N ALA B 231 -14.30 5.73 -22.64
CA ALA B 231 -13.46 6.97 -22.30
C ALA B 231 -13.62 7.08 -20.78
N GLU B 232 -13.04 6.10 -20.11
CA GLU B 232 -13.10 5.96 -18.67
C GLU B 232 -12.58 7.18 -17.87
N ASP B 233 -11.65 7.94 -18.43
CA ASP B 233 -11.18 9.12 -17.69
C ASP B 233 -12.37 10.02 -17.35
N ILE B 234 -13.37 10.07 -18.21
CA ILE B 234 -14.51 10.93 -17.94
C ILE B 234 -15.27 10.39 -16.70
N THR B 235 -15.54 9.09 -16.70
CA THR B 235 -16.18 8.43 -15.60
C THR B 235 -15.34 8.62 -14.33
N GLU B 236 -14.00 8.52 -14.49
CA GLU B 236 -13.08 8.64 -13.36
C GLU B 236 -13.06 10.10 -12.82
N GLY B 237 -13.26 11.07 -13.71
CA GLY B 237 -13.30 12.48 -13.35
C GLY B 237 -11.92 13.09 -13.20
N LYS B 238 -10.93 12.43 -13.78
CA LYS B 238 -9.53 12.85 -13.68
C LYS B 238 -9.28 14.18 -14.44
N LEU B 239 -8.35 14.97 -13.92
CA LEU B 239 -7.97 16.24 -14.54
C LEU B 239 -6.92 15.86 -15.61
N SER B 240 -7.34 15.26 -16.69
CA SER B 240 -6.46 14.85 -17.78
C SER B 240 -5.91 16.11 -18.50
N PHE B 241 -4.96 15.92 -19.42
CA PHE B 241 -4.38 17.07 -20.10
C PHE B 241 -5.39 17.87 -20.93
N PRO B 242 -6.31 17.21 -21.68
CA PRO B 242 -7.33 17.87 -22.50
C PRO B 242 -8.36 18.63 -21.60
N ILE B 243 -8.71 18.01 -20.46
CA ILE B 243 -9.67 18.61 -19.52
C ILE B 243 -9.03 19.85 -18.86
N VAL B 244 -7.78 19.72 -18.45
CA VAL B 244 -7.06 20.86 -17.85
C VAL B 244 -7.03 22.04 -18.87
N HIS B 245 -6.76 21.73 -20.13
CA HIS B 245 -6.78 22.78 -21.14
C HIS B 245 -8.20 23.33 -21.30
N ALA B 246 -9.20 22.45 -21.43
CA ALA B 246 -10.55 22.97 -21.59
C ALA B 246 -11.04 23.90 -20.46
N LEU B 247 -10.70 23.56 -19.20
CA LEU B 247 -11.15 24.28 -18.04
C LEU B 247 -10.47 25.62 -18.02
N ASN B 248 -9.16 25.62 -18.25
CA ASN B 248 -8.46 26.88 -18.20
C ASN B 248 -8.79 27.80 -19.39
N PHE B 249 -9.10 27.19 -20.54
CA PHE B 249 -9.50 27.95 -21.73
C PHE B 249 -10.87 28.60 -21.49
N THR B 250 -11.82 27.83 -20.97
CA THR B 250 -13.13 28.43 -20.72
C THR B 250 -13.06 29.50 -19.64
N LYS B 251 -12.20 29.31 -18.63
CA LYS B 251 -12.05 30.31 -17.57
C LYS B 251 -11.47 31.59 -18.17
N THR B 252 -10.39 31.45 -18.94
CA THR B 252 -9.73 32.59 -19.62
C THR B 252 -10.66 33.38 -20.55
N LYS B 253 -11.56 32.71 -21.24
CA LYS B 253 -12.48 33.37 -22.15
C LYS B 253 -13.77 33.78 -21.44
N GLY B 254 -13.85 33.57 -20.13
CA GLY B 254 -15.05 33.92 -19.37
C GLY B 254 -16.29 33.21 -19.89
N GLN B 255 -16.14 31.96 -20.36
CA GLN B 255 -17.27 31.18 -20.88
C GLN B 255 -17.74 30.36 -19.69
N THR B 256 -18.37 31.06 -18.79
CA THR B 256 -18.90 30.51 -17.58
C THR B 256 -19.70 29.22 -17.72
N GLU B 257 -20.71 29.25 -18.56
CA GLU B 257 -21.56 28.10 -18.75
C GLU B 257 -20.84 26.86 -19.26
N GLN B 258 -19.84 27.05 -20.14
CA GLN B 258 -19.15 25.90 -20.67
C GLN B 258 -18.19 25.32 -19.65
N HIS B 259 -17.58 26.23 -18.89
CA HIS B 259 -16.68 25.88 -17.84
C HIS B 259 -17.45 25.00 -16.82
N ASN B 260 -18.60 25.48 -16.38
CA ASN B 260 -19.38 24.76 -15.40
C ASN B 260 -19.94 23.44 -15.91
N GLU B 261 -20.25 23.38 -17.20
CA GLU B 261 -20.82 22.16 -17.79
C GLU B 261 -19.77 21.06 -17.82
N ILE B 262 -18.52 21.42 -18.08
CA ILE B 262 -17.41 20.44 -18.05
C ILE B 262 -17.28 19.93 -16.61
N LEU B 263 -17.23 20.86 -15.64
CA LEU B 263 -17.12 20.44 -14.25
C LEU B 263 -18.29 19.56 -13.89
N ARG B 264 -19.50 19.95 -14.26
CA ARG B 264 -20.66 19.12 -13.96
C ARG B 264 -20.57 17.69 -14.53
N ILE B 265 -20.02 17.54 -15.72
CA ILE B 265 -20.01 16.19 -16.27
C ILE B 265 -18.99 15.33 -15.58
N LEU B 266 -17.79 15.88 -15.32
CA LEU B 266 -16.80 15.11 -14.60
C LEU B 266 -17.34 14.69 -13.20
N LEU B 267 -18.04 15.59 -12.49
CA LEU B 267 -18.56 15.27 -11.16
C LEU B 267 -19.66 14.23 -11.17
N LEU B 268 -20.21 13.96 -12.35
CA LEU B 268 -21.25 12.95 -12.50
C LEU B 268 -20.73 11.53 -12.32
N ARG B 269 -19.43 11.32 -12.58
CA ARG B 269 -18.80 10.00 -12.51
C ARG B 269 -19.71 9.10 -13.37
N THR B 270 -20.04 9.61 -14.54
CA THR B 270 -20.94 8.89 -15.42
C THR B 270 -20.37 7.84 -16.37
N SER B 271 -21.17 6.81 -16.61
CA SER B 271 -20.84 5.74 -17.55
C SER B 271 -21.67 5.90 -18.82
N ASP B 272 -22.61 6.85 -18.80
CA ASP B 272 -23.51 7.11 -19.94
C ASP B 272 -22.75 7.67 -21.18
N LYS B 273 -22.71 6.87 -22.26
CA LYS B 273 -21.99 7.26 -23.44
C LYS B 273 -22.46 8.54 -24.10
N ASP B 274 -23.74 8.81 -24.00
CA ASP B 274 -24.30 10.02 -24.59
C ASP B 274 -23.73 11.26 -23.84
N ILE B 275 -23.61 11.14 -22.51
CA ILE B 275 -23.10 12.23 -21.71
C ILE B 275 -21.59 12.34 -21.94
N LYS B 276 -20.92 11.20 -22.11
CA LYS B 276 -19.49 11.22 -22.38
C LYS B 276 -19.25 11.91 -23.72
N LEU B 277 -20.08 11.58 -24.70
CA LEU B 277 -19.91 12.20 -26.01
C LEU B 277 -20.13 13.70 -25.91
N LYS B 278 -21.10 14.10 -25.09
CA LYS B 278 -21.39 15.52 -24.94
C LYS B 278 -20.18 16.29 -24.49
N LEU B 279 -19.43 15.74 -23.53
CA LEU B 279 -18.22 16.43 -23.02
C LEU B 279 -17.18 16.40 -24.12
N ILE B 280 -17.09 15.27 -24.81
CA ILE B 280 -16.10 15.23 -25.87
C ILE B 280 -16.33 16.32 -26.91
N GLN B 281 -17.60 16.62 -27.18
CA GLN B 281 -17.96 17.70 -28.10
C GLN B 281 -17.62 19.10 -27.56
N ILE B 282 -17.79 19.29 -26.26
CA ILE B 282 -17.41 20.58 -25.72
C ILE B 282 -15.91 20.72 -26.03
N LEU B 283 -15.16 19.63 -25.86
CA LEU B 283 -13.71 19.65 -26.08
C LEU B 283 -13.33 19.77 -27.55
N GLU B 284 -14.17 19.21 -28.39
CA GLU B 284 -13.93 19.22 -29.79
C GLU B 284 -14.29 20.60 -30.38
N PHE B 285 -15.55 20.99 -30.22
CA PHE B 285 -16.10 22.24 -30.75
C PHE B 285 -15.96 23.58 -30.02
N ASP B 286 -15.95 23.58 -28.69
CA ASP B 286 -15.84 24.86 -27.99
C ASP B 286 -14.44 25.26 -27.70
N THR B 287 -13.65 24.33 -27.17
CA THR B 287 -12.28 24.62 -26.75
C THR B 287 -11.16 24.05 -27.63
N ASN B 288 -11.50 23.12 -28.50
CA ASN B 288 -10.51 22.51 -29.40
C ASN B 288 -9.35 21.96 -28.59
N SER B 289 -9.69 21.36 -27.47
CA SER B 289 -8.68 20.79 -26.59
C SER B 289 -8.04 19.53 -27.16
N LEU B 290 -8.76 18.74 -27.97
CA LEU B 290 -8.18 17.51 -28.53
C LEU B 290 -7.09 17.85 -29.52
N ALA B 291 -7.41 18.75 -30.44
CA ALA B 291 -6.43 19.17 -31.43
C ALA B 291 -5.30 19.86 -30.69
N TYR B 292 -5.64 20.58 -29.62
CA TYR B 292 -4.61 21.31 -28.87
C TYR B 292 -3.67 20.35 -28.22
N THR B 293 -4.23 19.24 -27.71
CA THR B 293 -3.42 18.22 -27.08
C THR B 293 -2.62 17.48 -28.18
N LYS B 294 -3.27 17.25 -29.32
CA LYS B 294 -2.59 16.54 -30.42
C LYS B 294 -1.34 17.32 -30.78
N ASN B 295 -1.54 18.61 -30.90
CA ASN B 295 -0.44 19.44 -31.25
C ASN B 295 0.65 19.41 -30.19
N PHE B 296 0.27 19.47 -28.92
CA PHE B 296 1.26 19.46 -27.82
C PHE B 296 2.17 18.20 -27.87
N ILE B 297 1.56 17.04 -28.03
CA ILE B 297 2.30 15.79 -28.15
C ILE B 297 3.27 15.84 -29.35
N ASN B 298 2.75 16.18 -30.53
CA ASN B 298 3.62 16.28 -31.71
C ASN B 298 4.81 17.15 -31.40
N GLN B 299 4.62 18.28 -30.72
CA GLN B 299 5.78 19.10 -30.38
C GLN B 299 6.80 18.42 -29.45
N LEU B 300 6.32 17.66 -28.47
CA LEU B 300 7.19 17.00 -27.51
C LEU B 300 7.97 15.98 -28.27
N VAL B 301 7.27 15.29 -29.15
CA VAL B 301 7.90 14.24 -29.92
C VAL B 301 8.94 14.85 -30.87
N ASN B 302 8.64 16.02 -31.42
CA ASN B 302 9.59 16.68 -32.34
C ASN B 302 10.85 17.12 -31.61
N MET B 303 10.72 17.47 -30.33
CA MET B 303 11.90 17.88 -29.58
C MET B 303 12.93 16.78 -29.66
N ILE B 304 12.46 15.54 -29.65
CA ILE B 304 13.35 14.39 -29.74
C ILE B 304 13.81 14.15 -31.20
N LYS B 305 12.98 14.44 -32.19
CA LYS B 305 13.36 14.20 -33.57
C LYS B 305 14.23 15.30 -34.27
MG MG C . -6.83 -6.59 10.11
MG MG D . -8.23 -4.27 11.64
O17 ZOL E . -7.72 -3.72 13.48
P14 ZOL E . -6.93 -4.10 14.83
O16 ZOL E . -7.89 -4.99 15.79
O15 ZOL E . -6.36 -2.89 15.47
C8 ZOL E . -5.63 -5.30 14.29
P9 ZOL E . -6.54 -6.65 13.37
O10 ZOL E . -7.06 -6.00 12.00
O11 ZOL E . -5.44 -7.78 13.03
O12 ZOL E . -7.67 -7.15 14.21
O13 ZOL E . -5.02 -5.85 15.46
C7 ZOL E . -4.61 -4.59 13.41
N15 ZOL E . -3.53 -5.48 12.94
C16 ZOL E . -2.80 -6.27 13.72
N17 ZOL E . -1.90 -6.83 12.91
C18 ZOL E . -2.09 -6.41 11.66
C19 ZOL E . -3.10 -5.56 11.68
MG MG F . -5.83 4.53 -14.04
MG MG G . -4.49 6.69 -11.92
O17 ZOL H . -4.84 3.79 -15.50
P14 ZOL H . -3.72 4.10 -16.61
O16 ZOL H . -4.48 4.89 -17.80
O15 ZOL H . -2.99 2.90 -17.10
C8 ZOL H . -2.52 5.33 -15.89
P9 ZOL H . -3.57 6.69 -15.18
O10 ZOL H . -4.37 6.00 -13.95
O11 ZOL H . -2.59 7.83 -14.63
O12 ZOL H . -4.51 7.20 -16.19
O13 ZOL H . -1.70 5.85 -16.93
C7 ZOL H . -1.67 4.63 -14.81
N15 ZOL H . -0.61 5.48 -14.24
C16 ZOL H . 0.22 6.25 -14.94
N17 ZOL H . 1.07 6.78 -14.06
C18 ZOL H . 0.76 6.33 -12.84
C19 ZOL H . -0.30 5.53 -12.95
#